data_4RGY
#
_entry.id   4RGY
#
_cell.length_a   133.459
_cell.length_b   63.767
_cell.length_c   88.688
_cell.angle_alpha   90.00
_cell.angle_beta   127.11
_cell.angle_gamma   90.00
#
_symmetry.space_group_name_H-M   'C 1 2 1'
#
loop_
_entity.id
_entity.type
_entity.pdbx_description
1 polymer Esterase
2 water water
#
_entity_poly.entity_id   1
_entity_poly.type   'polypeptide(L)'
_entity_poly.pdbx_seq_one_letter_code
;HMALFQCDFFSDVLGLSTSMTVILPQETTGQIGMAGGSERREHPTLFLLHGLSDDHTIWLRRTSIERYVAEMGLAVVMPA
VHRSFYTDMAHGLQYWTFISEELPALARSFFPLATAREDTFVAGLSMGGYGALKLGMRHPERFAAAASLSGALDITFDPA
EHIAMEDDVWVAEQRNIFGDLAALPGSDHDLFALAERMAQSDGPVPKLYQCCGTEDFLYEDNVRFRDHVRGLGLDFMYEE
SPGEHEWGYWDAQIQRVLAWLPLRPPGTAPA
;
_entity_poly.pdbx_strand_id   A,B
#
# COMPACT_ATOMS: atom_id res chain seq x y z
N HIS A 1 2.34 -27.28 -15.02
CA HIS A 1 3.08 -26.06 -14.72
C HIS A 1 2.14 -24.88 -14.52
N MET A 2 2.44 -24.08 -13.50
CA MET A 2 1.75 -22.81 -13.30
C MET A 2 2.75 -21.69 -13.59
N ALA A 3 2.28 -20.66 -14.26
CA ALA A 3 3.07 -19.47 -14.48
C ALA A 3 2.73 -18.47 -13.37
N LEU A 4 3.76 -17.82 -12.83
CA LEU A 4 3.62 -16.85 -11.74
C LEU A 4 3.82 -15.43 -12.25
N PHE A 5 2.91 -14.53 -11.89
CA PHE A 5 3.00 -13.16 -12.35
C PHE A 5 2.97 -12.22 -11.17
N GLN A 6 3.99 -11.38 -11.08
CA GLN A 6 3.96 -10.27 -10.16
C GLN A 6 3.58 -9.04 -10.99
N CYS A 7 2.45 -8.45 -10.66
CA CYS A 7 1.82 -7.44 -11.50
C CYS A 7 1.81 -6.10 -10.79
N ASP A 8 2.45 -5.11 -11.39
CA ASP A 8 2.44 -3.75 -10.87
C ASP A 8 1.61 -2.89 -11.81
N PHE A 9 0.45 -2.45 -11.34
CA PHE A 9 -0.55 -1.83 -12.19
C PHE A 9 -1.16 -0.63 -11.49
N PHE A 10 -1.94 0.15 -12.21
CA PHE A 10 -2.56 1.32 -11.63
C PHE A 10 -4.04 1.09 -11.33
N SER A 11 -4.45 1.44 -10.12
CA SER A 11 -5.86 1.40 -9.76
C SER A 11 -6.47 2.80 -9.87
N ASP A 12 -7.39 2.97 -10.80
CA ASP A 12 -8.13 4.21 -10.94
C ASP A 12 -9.05 4.47 -9.74
N VAL A 13 -9.64 3.40 -9.20
CA VAL A 13 -10.52 3.55 -8.04
C VAL A 13 -9.75 4.04 -6.82
N LEU A 14 -8.56 3.49 -6.60
CA LEU A 14 -7.74 3.88 -5.45
C LEU A 14 -6.92 5.13 -5.74
N GLY A 15 -6.72 5.43 -7.02
CA GLY A 15 -5.82 6.49 -7.41
C GLY A 15 -4.40 6.12 -6.99
N LEU A 16 -4.01 4.87 -7.23
CA LEU A 16 -2.77 4.37 -6.67
C LEU A 16 -2.16 3.24 -7.48
N SER A 17 -0.86 3.33 -7.69
CA SER A 17 -0.06 2.24 -8.25
C SER A 17 0.07 1.18 -7.18
N THR A 18 -0.27 -0.06 -7.53
CA THR A 18 -0.28 -1.13 -6.55
C THR A 18 0.11 -2.43 -7.23
N SER A 19 -0.03 -3.54 -6.51
CA SER A 19 0.47 -4.82 -7.00
C SER A 19 -0.48 -5.96 -6.69
N MET A 20 -0.40 -7.02 -7.50
CA MET A 20 -1.06 -8.28 -7.16
C MET A 20 -0.20 -9.43 -7.65
N THR A 21 -0.44 -10.62 -7.09
CA THR A 21 0.22 -11.83 -7.56
C THR A 21 -0.83 -12.70 -8.22
N VAL A 22 -0.52 -13.22 -9.39
CA VAL A 22 -1.44 -14.09 -10.11
C VAL A 22 -0.74 -15.39 -10.49
N ILE A 23 -1.41 -16.51 -10.29
CA ILE A 23 -0.91 -17.75 -10.86
C ILE A 23 -1.89 -18.31 -11.87
N LEU A 24 -1.36 -18.71 -13.02
CA LEU A 24 -2.15 -19.17 -14.16
C LEU A 24 -1.69 -20.55 -14.56
N PRO A 25 -2.64 -21.43 -14.89
CA PRO A 25 -2.22 -22.69 -15.51
C PRO A 25 -1.58 -22.42 -16.86
N GLN A 26 -0.52 -23.16 -17.19
CA GLN A 26 0.09 -23.07 -18.52
C GLN A 26 -0.53 -24.10 -19.45
N GLU A 27 -0.76 -23.71 -20.70
CA GLU A 27 -1.34 -24.63 -21.69
C GLU A 27 -0.33 -25.71 -22.08
N GLU A 42 -10.56 -19.22 -20.73
CA GLU A 42 -11.24 -18.57 -19.63
C GLU A 42 -11.19 -19.45 -18.38
N HIS A 43 -10.06 -19.41 -17.70
CA HIS A 43 -9.84 -20.25 -16.54
C HIS A 43 -10.75 -19.86 -15.39
N PRO A 44 -11.37 -20.86 -14.74
CA PRO A 44 -12.05 -20.56 -13.47
C PRO A 44 -11.02 -19.91 -12.55
N THR A 45 -11.49 -18.98 -11.72
CA THR A 45 -10.58 -18.14 -10.95
C THR A 45 -10.96 -18.07 -9.49
N LEU A 46 -9.97 -18.30 -8.63
CA LEU A 46 -10.13 -18.08 -7.20
C LEU A 46 -9.46 -16.75 -6.82
N PHE A 47 -10.24 -15.84 -6.26
CA PHE A 47 -9.72 -14.62 -5.69
C PHE A 47 -9.38 -14.94 -4.24
N LEU A 48 -8.11 -14.80 -3.87
CA LEU A 48 -7.60 -15.31 -2.61
C LEU A 48 -7.06 -14.14 -1.81
N LEU A 49 -7.78 -13.81 -0.74
CA LEU A 49 -7.62 -12.55 -0.02
C LEU A 49 -6.73 -12.66 1.23
N HIS A 50 -5.90 -11.65 1.44
CA HIS A 50 -4.96 -11.65 2.57
C HIS A 50 -5.58 -11.18 3.88
N GLY A 51 -4.83 -11.36 4.96
CA GLY A 51 -5.30 -10.95 6.27
C GLY A 51 -4.82 -9.58 6.73
N LEU A 52 -5.07 -9.28 8.01
CA LEU A 52 -4.73 -7.97 8.56
C LEU A 52 -3.22 -7.84 8.73
N SER A 53 -2.66 -6.81 8.09
CA SER A 53 -1.22 -6.50 8.01
C SER A 53 -0.51 -7.17 6.84
N ASP A 54 -1.23 -8.05 6.11
CA ASP A 54 -0.61 -8.75 4.99
C ASP A 54 -0.66 -7.93 3.70
N ASP A 55 0.10 -8.39 2.71
CA ASP A 55 -0.02 -7.87 1.36
C ASP A 55 -0.31 -9.01 0.35
N HIS A 56 -0.15 -8.73 -0.93
CA HIS A 56 -0.48 -9.67 -2.00
C HIS A 56 0.54 -10.81 -2.13
N THR A 57 1.57 -10.81 -1.31
CA THR A 57 2.63 -11.82 -1.42
C THR A 57 2.53 -12.95 -0.38
N ILE A 58 1.72 -12.74 0.65
CA ILE A 58 1.76 -13.65 1.79
C ILE A 58 1.28 -15.06 1.51
N TRP A 59 0.22 -15.20 0.70
CA TRP A 59 -0.27 -16.54 0.40
C TRP A 59 0.80 -17.37 -0.32
N LEU A 60 1.51 -16.75 -1.26
CA LEU A 60 2.54 -17.47 -2.01
C LEU A 60 3.70 -17.86 -1.09
N ARG A 61 4.06 -16.95 -0.20
CA ARG A 61 5.22 -17.15 0.66
C ARG A 61 5.00 -18.18 1.76
N ARG A 62 3.86 -18.10 2.44
CA ARG A 62 3.66 -18.89 3.66
C ARG A 62 2.85 -20.16 3.48
N THR A 63 2.43 -20.43 2.24
CA THR A 63 1.74 -21.68 1.91
C THR A 63 2.31 -22.23 0.62
N SER A 64 1.85 -23.42 0.25
CA SER A 64 2.19 -23.99 -1.05
C SER A 64 1.01 -23.89 -2.02
N ILE A 65 0.23 -22.80 -1.92
CA ILE A 65 -0.93 -22.61 -2.78
C ILE A 65 -0.69 -22.89 -4.28
N GLU A 66 0.45 -22.45 -4.83
CA GLU A 66 0.70 -22.71 -6.25
C GLU A 66 0.72 -24.20 -6.56
N ARG A 67 1.36 -24.98 -5.69
CA ARG A 67 1.37 -26.43 -5.84
C ARG A 67 -0.02 -27.04 -5.64
N TYR A 68 -0.77 -26.53 -4.66
CA TYR A 68 -2.07 -27.10 -4.37
C TYR A 68 -3.06 -26.99 -5.53
N VAL A 69 -2.93 -25.95 -6.34
CA VAL A 69 -3.86 -25.76 -7.45
C VAL A 69 -3.36 -26.32 -8.78
N ALA A 70 -2.14 -26.84 -8.78
CA ALA A 70 -1.43 -27.15 -10.03
C ALA A 70 -2.17 -28.08 -11.00
N GLU A 71 -3.02 -28.95 -10.48
CA GLU A 71 -3.72 -29.91 -11.34
C GLU A 71 -5.20 -29.58 -11.52
N MET A 72 -5.62 -28.40 -11.07
CA MET A 72 -7.04 -28.08 -11.00
C MET A 72 -7.55 -27.27 -12.19
N GLY A 73 -6.66 -26.73 -13.00
CA GLY A 73 -7.08 -25.85 -14.08
C GLY A 73 -7.69 -24.57 -13.53
N LEU A 74 -7.11 -24.10 -12.43
CA LEU A 74 -7.66 -23.00 -11.64
C LEU A 74 -6.63 -21.88 -11.55
N ALA A 75 -7.03 -20.67 -11.93
CA ALA A 75 -6.19 -19.50 -11.74
C ALA A 75 -6.42 -18.93 -10.35
N VAL A 76 -5.40 -18.29 -9.78
CA VAL A 76 -5.56 -17.66 -8.48
C VAL A 76 -5.08 -16.22 -8.55
N VAL A 77 -5.90 -15.30 -8.04
CA VAL A 77 -5.58 -13.88 -8.04
C VAL A 77 -5.49 -13.41 -6.60
N MET A 78 -4.33 -12.86 -6.23
CA MET A 78 -4.03 -12.47 -4.87
C MET A 78 -3.68 -10.98 -4.84
N PRO A 79 -4.66 -10.15 -4.50
CA PRO A 79 -4.45 -8.70 -4.51
C PRO A 79 -4.11 -8.14 -3.14
N ALA A 80 -3.85 -6.83 -3.08
CA ALA A 80 -3.52 -6.14 -1.83
C ALA A 80 -4.56 -5.08 -1.51
N VAL A 81 -4.98 -5.01 -0.25
CA VAL A 81 -5.92 -3.98 0.16
C VAL A 81 -5.50 -3.22 1.42
N HIS A 82 -4.22 -3.34 1.77
CA HIS A 82 -3.68 -2.63 2.94
C HIS A 82 -4.51 -2.96 4.19
N ARG A 83 -4.70 -2.02 5.11
CA ARG A 83 -5.41 -2.32 6.35
C ARG A 83 -6.84 -1.80 6.28
N SER A 84 -7.55 -2.17 5.23
CA SER A 84 -8.85 -1.57 4.91
C SER A 84 -10.07 -2.40 5.26
N PHE A 85 -9.89 -3.65 5.64
CA PHE A 85 -11.01 -4.54 5.84
C PHE A 85 -11.94 -4.59 4.60
N TYR A 86 -11.37 -4.44 3.40
CA TYR A 86 -12.17 -4.62 2.18
C TYR A 86 -13.36 -3.67 2.19
N THR A 87 -13.13 -2.45 2.67
CA THR A 87 -14.19 -1.47 2.88
C THR A 87 -13.92 -0.16 2.12
N ASP A 88 -14.96 0.46 1.60
CA ASP A 88 -14.84 1.83 1.12
C ASP A 88 -14.76 2.70 2.36
N MET A 89 -13.54 3.08 2.72
CA MET A 89 -13.26 3.66 4.01
C MET A 89 -13.91 5.01 4.24
N ALA A 90 -14.40 5.23 5.45
CA ALA A 90 -14.94 6.52 5.85
C ALA A 90 -13.86 7.60 5.76
N HIS A 91 -12.65 7.22 6.17
CA HIS A 91 -11.47 8.07 6.05
C HIS A 91 -10.36 7.27 5.40
N GLY A 92 -10.37 7.24 4.07
CA GLY A 92 -9.38 6.47 3.35
C GLY A 92 -9.82 6.23 1.92
N LEU A 93 -9.31 5.15 1.34
CA LEU A 93 -9.57 4.89 -0.06
C LEU A 93 -10.69 3.89 -0.24
N GLN A 94 -11.13 3.77 -1.48
CA GLN A 94 -12.31 2.97 -1.80
C GLN A 94 -11.98 1.51 -2.07
N TYR A 95 -11.56 0.80 -1.02
CA TYR A 95 -11.09 -0.58 -1.18
C TYR A 95 -12.19 -1.62 -1.49
N TRP A 96 -13.43 -1.34 -1.09
CA TRP A 96 -14.54 -2.21 -1.47
C TRP A 96 -14.88 -2.09 -2.95
N THR A 97 -14.96 -0.86 -3.46
CA THR A 97 -15.22 -0.69 -4.87
C THR A 97 -14.04 -1.28 -5.67
N PHE A 98 -12.83 -1.15 -5.14
CA PHE A 98 -11.67 -1.77 -5.76
C PHE A 98 -11.82 -3.29 -5.81
N ILE A 99 -12.03 -3.92 -4.65
CA ILE A 99 -12.02 -5.38 -4.63
C ILE A 99 -13.24 -5.99 -5.35
N SER A 100 -14.38 -5.30 -5.32
CA SER A 100 -15.60 -5.89 -5.85
C SER A 100 -15.87 -5.54 -7.32
N GLU A 101 -15.22 -4.49 -7.82
CA GLU A 101 -15.48 -4.03 -9.18
C GLU A 101 -14.21 -3.95 -10.03
N GLU A 102 -13.29 -3.07 -9.65
CA GLU A 102 -12.14 -2.80 -10.50
C GLU A 102 -11.15 -3.94 -10.59
N LEU A 103 -10.83 -4.54 -9.45
CA LEU A 103 -9.80 -5.57 -9.42
C LEU A 103 -10.15 -6.79 -10.27
N PRO A 104 -11.37 -7.35 -10.13
CA PRO A 104 -11.70 -8.47 -11.02
C PRO A 104 -11.69 -8.06 -12.49
N ALA A 105 -12.16 -6.85 -12.79
CA ALA A 105 -12.13 -6.37 -14.17
C ALA A 105 -10.71 -6.29 -14.69
N LEU A 106 -9.79 -5.75 -13.89
CA LEU A 106 -8.40 -5.63 -14.31
C LEU A 106 -7.76 -7.00 -14.52
N ALA A 107 -7.99 -7.90 -13.58
CA ALA A 107 -7.44 -9.24 -13.71
C ALA A 107 -7.93 -9.91 -14.99
N ARG A 108 -9.22 -9.77 -15.28
CA ARG A 108 -9.81 -10.38 -16.47
C ARG A 108 -9.33 -9.70 -17.76
N SER A 109 -8.96 -8.42 -17.67
CA SER A 109 -8.43 -7.71 -18.84
C SER A 109 -6.99 -8.14 -19.15
N PHE A 110 -6.22 -8.48 -18.12
CA PHE A 110 -4.82 -8.87 -18.31
C PHE A 110 -4.67 -10.34 -18.69
N PHE A 111 -5.48 -11.20 -18.07
CA PHE A 111 -5.28 -12.64 -18.09
C PHE A 111 -6.50 -13.37 -18.65
N PRO A 112 -6.31 -14.61 -19.13
CA PRO A 112 -7.41 -15.37 -19.73
C PRO A 112 -8.27 -16.01 -18.64
N LEU A 113 -9.00 -15.16 -17.92
CA LEU A 113 -9.80 -15.58 -16.78
C LEU A 113 -11.29 -15.59 -17.12
N ALA A 114 -12.00 -16.55 -16.55
CA ALA A 114 -13.45 -16.64 -16.68
C ALA A 114 -14.16 -15.44 -16.04
N THR A 115 -15.37 -15.18 -16.51
CA THR A 115 -16.23 -14.15 -15.95
C THR A 115 -17.47 -14.77 -15.31
N ALA A 116 -17.86 -15.93 -15.81
CA ALA A 116 -19.09 -16.59 -15.37
C ALA A 116 -19.12 -16.86 -13.87
N ARG A 117 -20.29 -16.66 -13.26
CA ARG A 117 -20.49 -16.95 -11.85
C ARG A 117 -20.03 -18.35 -11.47
N GLU A 118 -20.38 -19.34 -12.28
CA GLU A 118 -20.06 -20.73 -11.96
C GLU A 118 -18.57 -21.00 -11.91
N ASP A 119 -17.78 -20.11 -12.51
CA ASP A 119 -16.33 -20.28 -12.55
C ASP A 119 -15.59 -19.26 -11.70
N THR A 120 -16.29 -18.66 -10.74
CA THR A 120 -15.70 -17.59 -9.93
C THR A 120 -15.84 -17.89 -8.43
N PHE A 121 -14.72 -17.87 -7.71
CA PHE A 121 -14.73 -18.23 -6.29
C PHE A 121 -13.91 -17.21 -5.49
N VAL A 122 -14.21 -17.08 -4.20
CA VAL A 122 -13.42 -16.20 -3.34
C VAL A 122 -13.19 -16.85 -1.98
N ALA A 123 -12.00 -16.64 -1.42
CA ALA A 123 -11.64 -17.18 -0.11
C ALA A 123 -10.63 -16.25 0.53
N GLY A 124 -10.56 -16.25 1.86
CA GLY A 124 -9.58 -15.42 2.53
C GLY A 124 -9.44 -15.80 3.98
N LEU A 125 -8.32 -15.41 4.58
CA LEU A 125 -8.11 -15.59 6.01
C LEU A 125 -8.29 -14.26 6.74
N SER A 126 -8.68 -14.34 8.02
CA SER A 126 -9.02 -13.17 8.84
C SER A 126 -9.96 -12.18 8.22
N MET A 127 -9.35 -11.01 8.10
CA MET A 127 -9.82 -9.84 7.44
C MET A 127 -10.31 -10.21 6.06
N GLY A 128 -9.57 -11.08 5.37
CA GLY A 128 -9.94 -11.56 4.05
C GLY A 128 -11.05 -12.58 4.04
N GLY A 129 -11.25 -13.26 5.18
CA GLY A 129 -12.40 -14.14 5.33
C GLY A 129 -13.66 -13.30 5.46
N TYR A 130 -13.57 -12.22 6.21
CA TYR A 130 -14.64 -11.21 6.26
C TYR A 130 -14.89 -10.69 4.84
N GLY A 131 -13.81 -10.33 4.13
CA GLY A 131 -13.95 -9.82 2.78
C GLY A 131 -14.59 -10.82 1.82
N ALA A 132 -14.21 -12.09 1.93
CA ALA A 132 -14.76 -13.13 1.06
C ALA A 132 -16.25 -13.32 1.28
N LEU A 133 -16.67 -13.40 2.54
CA LEU A 133 -18.08 -13.58 2.84
C LEU A 133 -18.89 -12.32 2.51
N LYS A 134 -18.30 -11.15 2.68
CA LYS A 134 -18.94 -9.91 2.25
C LYS A 134 -19.19 -9.92 0.74
N LEU A 135 -18.17 -10.30 -0.04
CA LEU A 135 -18.34 -10.44 -1.48
C LEU A 135 -19.42 -11.44 -1.84
N GLY A 136 -19.39 -12.62 -1.20
CA GLY A 136 -20.34 -13.67 -1.53
C GLY A 136 -21.76 -13.28 -1.19
N MET A 137 -21.94 -12.54 -0.10
CA MET A 137 -23.30 -12.21 0.35
C MET A 137 -23.82 -10.87 -0.19
N ARG A 138 -22.93 -9.99 -0.62
CA ARG A 138 -23.34 -8.75 -1.28
C ARG A 138 -23.54 -8.99 -2.76
N HIS A 139 -22.73 -9.88 -3.33
CA HIS A 139 -22.81 -10.18 -4.75
C HIS A 139 -22.93 -11.68 -5.03
N PRO A 140 -24.01 -12.31 -4.52
CA PRO A 140 -24.16 -13.75 -4.71
C PRO A 140 -24.31 -14.13 -6.17
N GLU A 141 -24.65 -13.16 -7.01
CA GLU A 141 -24.78 -13.40 -8.45
C GLU A 141 -23.43 -13.48 -9.15
N ARG A 142 -22.35 -13.11 -8.46
CA ARG A 142 -21.00 -13.11 -9.06
C ARG A 142 -20.08 -14.24 -8.59
N PHE A 143 -20.45 -14.92 -7.52
CA PHE A 143 -19.59 -15.93 -6.92
C PHE A 143 -20.30 -17.26 -6.73
N ALA A 144 -19.70 -18.33 -7.23
CA ALA A 144 -20.25 -19.65 -7.03
C ALA A 144 -19.97 -20.16 -5.62
N ALA A 145 -18.95 -19.58 -4.98
CA ALA A 145 -18.53 -20.03 -3.65
C ALA A 145 -17.71 -18.96 -2.96
N ALA A 146 -17.85 -18.89 -1.64
CA ALA A 146 -17.11 -17.94 -0.80
C ALA A 146 -16.71 -18.67 0.48
N ALA A 147 -15.46 -18.51 0.89
CA ALA A 147 -14.91 -19.25 2.01
C ALA A 147 -14.14 -18.36 2.96
N SER A 148 -14.41 -18.51 4.26
CA SER A 148 -13.67 -17.78 5.29
C SER A 148 -12.83 -18.70 6.15
N LEU A 149 -11.55 -18.36 6.30
CA LEU A 149 -10.63 -19.12 7.15
C LEU A 149 -10.23 -18.24 8.33
N SER A 150 -10.60 -18.65 9.54
CA SER A 150 -10.29 -17.88 10.74
C SER A 150 -10.67 -16.42 10.56
N GLY A 151 -11.91 -16.20 10.14
CA GLY A 151 -12.34 -14.87 9.74
C GLY A 151 -12.66 -13.93 10.88
N ALA A 152 -12.43 -12.64 10.64
CA ALA A 152 -12.88 -11.60 11.55
C ALA A 152 -14.34 -11.28 11.21
N LEU A 153 -15.23 -12.18 11.61
CA LEU A 153 -16.58 -12.18 11.05
C LEU A 153 -17.58 -11.28 11.78
N ASP A 154 -17.17 -10.71 12.91
CA ASP A 154 -17.97 -9.72 13.62
C ASP A 154 -17.18 -8.42 13.72
N ILE A 155 -17.55 -7.43 12.89
CA ILE A 155 -16.83 -6.16 12.88
C ILE A 155 -17.47 -5.08 13.77
N THR A 156 -18.49 -5.46 14.54
CA THR A 156 -19.15 -4.49 15.42
C THR A 156 -18.30 -4.23 16.66
N VAL A 169 -5.61 3.72 19.40
CA VAL A 169 -5.09 3.58 18.03
C VAL A 169 -5.93 2.59 17.21
N TRP A 170 -6.23 1.43 17.79
CA TRP A 170 -7.07 0.43 17.13
C TRP A 170 -8.48 0.95 16.90
N VAL A 171 -9.05 1.58 17.92
CA VAL A 171 -10.38 2.17 17.78
C VAL A 171 -10.40 3.28 16.73
N ALA A 172 -9.38 4.14 16.74
CA ALA A 172 -9.29 5.18 15.73
C ALA A 172 -9.23 4.59 14.33
N GLU A 173 -8.50 3.48 14.17
CA GLU A 173 -8.41 2.83 12.87
C GLU A 173 -9.76 2.26 12.44
N GLN A 174 -10.48 1.66 13.38
CA GLN A 174 -11.81 1.15 13.06
C GLN A 174 -12.74 2.29 12.61
N ARG A 175 -12.60 3.45 13.24
CA ARG A 175 -13.36 4.62 12.81
C ARG A 175 -12.95 5.10 11.42
N ASN A 176 -11.66 5.04 11.11
CA ASN A 176 -11.21 5.37 9.75
C ASN A 176 -11.81 4.43 8.73
N ILE A 177 -11.91 3.16 9.07
CA ILE A 177 -12.48 2.17 8.17
C ILE A 177 -13.99 2.33 8.05
N PHE A 178 -14.69 2.31 9.19
CA PHE A 178 -16.14 2.16 9.20
C PHE A 178 -16.94 3.42 9.49
N GLY A 179 -16.27 4.47 9.95
CA GLY A 179 -16.97 5.70 10.33
C GLY A 179 -17.59 5.62 11.72
N ASP A 180 -18.89 5.85 11.79
CA ASP A 180 -19.61 5.78 13.06
C ASP A 180 -19.76 4.32 13.48
N LEU A 181 -18.98 3.91 14.48
CA LEU A 181 -19.00 2.52 14.93
C LEU A 181 -20.36 2.08 15.46
N ALA A 182 -21.10 3.02 16.06
CA ALA A 182 -22.40 2.70 16.64
C ALA A 182 -23.44 2.32 15.58
N ALA A 183 -23.19 2.73 14.33
CA ALA A 183 -24.12 2.44 13.23
C ALA A 183 -23.82 1.11 12.52
N LEU A 184 -22.78 0.41 12.96
CA LEU A 184 -22.39 -0.84 12.31
C LEU A 184 -23.40 -2.00 12.41
N PRO A 185 -24.03 -2.20 13.59
CA PRO A 185 -24.97 -3.34 13.64
C PRO A 185 -26.14 -3.15 12.68
N GLY A 186 -26.40 -4.15 11.86
CA GLY A 186 -27.47 -4.07 10.88
C GLY A 186 -27.09 -3.39 9.57
N SER A 187 -25.88 -2.84 9.51
CA SER A 187 -25.43 -2.13 8.31
C SER A 187 -24.99 -3.12 7.23
N ASP A 188 -24.71 -2.58 6.04
CA ASP A 188 -24.22 -3.44 4.95
C ASP A 188 -22.79 -3.95 5.17
N HIS A 189 -22.16 -3.52 6.25
CA HIS A 189 -20.84 -4.02 6.65
C HIS A 189 -20.96 -5.26 7.51
N ASP A 190 -22.14 -5.45 8.09
CA ASP A 190 -22.36 -6.46 9.12
C ASP A 190 -22.75 -7.79 8.51
N LEU A 191 -21.82 -8.75 8.55
CA LEU A 191 -22.09 -10.08 7.97
C LEU A 191 -23.31 -10.76 8.57
N PHE A 192 -23.62 -10.45 9.83
CA PHE A 192 -24.80 -11.05 10.46
C PHE A 192 -26.07 -10.58 9.77
N ALA A 193 -26.12 -9.30 9.43
CA ALA A 193 -27.25 -8.73 8.68
C ALA A 193 -27.28 -9.28 7.25
N LEU A 194 -26.13 -9.36 6.61
CA LEU A 194 -26.07 -9.88 5.26
C LEU A 194 -26.58 -11.34 5.22
N ALA A 195 -26.23 -12.12 6.24
CA ALA A 195 -26.69 -13.50 6.33
C ALA A 195 -28.22 -13.55 6.43
N GLU A 196 -28.82 -12.62 7.18
CA GLU A 196 -30.29 -12.55 7.24
C GLU A 196 -30.91 -12.29 5.87
N ARG A 197 -30.27 -11.44 5.07
CA ARG A 197 -30.75 -11.23 3.71
C ARG A 197 -30.70 -12.52 2.91
N MET A 198 -29.57 -13.21 2.99
CA MET A 198 -29.37 -14.42 2.21
C MET A 198 -30.36 -15.53 2.58
N ALA A 199 -30.72 -15.61 3.85
CA ALA A 199 -31.61 -16.66 4.34
C ALA A 199 -33.01 -16.55 3.73
N GLN A 200 -33.35 -15.34 3.28
CA GLN A 200 -34.68 -15.08 2.72
C GLN A 200 -34.64 -14.95 1.20
N SER A 201 -33.44 -15.03 0.63
CA SER A 201 -33.27 -14.84 -0.81
C SER A 201 -33.88 -15.98 -1.60
N ASP A 202 -34.53 -15.66 -2.71
CA ASP A 202 -34.98 -16.69 -3.63
C ASP A 202 -33.98 -16.87 -4.77
N GLY A 203 -33.07 -15.90 -4.90
CA GLY A 203 -32.05 -15.92 -5.93
C GLY A 203 -30.90 -16.86 -5.62
N PRO A 204 -29.79 -16.72 -6.38
CA PRO A 204 -28.67 -17.65 -6.25
C PRO A 204 -27.99 -17.47 -4.91
N VAL A 205 -27.58 -18.55 -4.27
CA VAL A 205 -26.78 -18.45 -3.06
C VAL A 205 -25.49 -19.24 -3.27
N PRO A 206 -24.34 -18.61 -2.99
CA PRO A 206 -23.08 -19.30 -3.24
C PRO A 206 -22.91 -20.46 -2.26
N LYS A 207 -22.06 -21.43 -2.61
CA LYS A 207 -21.60 -22.40 -1.64
C LYS A 207 -20.81 -21.61 -0.59
N LEU A 208 -21.00 -21.90 0.69
CA LEU A 208 -20.40 -21.10 1.76
C LEU A 208 -19.61 -21.97 2.71
N TYR A 209 -18.41 -21.51 3.07
CA TYR A 209 -17.50 -22.26 3.91
C TYR A 209 -16.98 -21.38 5.02
N GLN A 210 -16.88 -21.93 6.21
CA GLN A 210 -16.31 -21.25 7.35
C GLN A 210 -15.48 -22.21 8.17
N CYS A 211 -14.23 -21.85 8.49
CA CYS A 211 -13.47 -22.63 9.46
C CYS A 211 -12.73 -21.73 10.43
N CYS A 212 -12.32 -22.30 11.56
CA CYS A 212 -11.49 -21.57 12.52
C CYS A 212 -10.75 -22.53 13.44
N GLY A 213 -9.51 -22.18 13.79
CA GLY A 213 -8.77 -22.92 14.81
C GLY A 213 -9.36 -22.63 16.19
N THR A 214 -9.46 -23.66 17.03
CA THR A 214 -10.17 -23.52 18.30
C THR A 214 -9.43 -22.66 19.34
N GLU A 215 -8.17 -22.35 19.09
CA GLU A 215 -7.38 -21.49 19.98
C GLU A 215 -7.15 -20.09 19.41
N ASP A 216 -7.78 -19.80 18.27
CA ASP A 216 -7.67 -18.49 17.64
C ASP A 216 -8.38 -17.47 18.51
N PHE A 217 -7.84 -16.25 18.59
CA PHE A 217 -8.51 -15.18 19.32
C PHE A 217 -9.88 -14.89 18.72
N LEU A 218 -10.06 -15.21 17.44
CA LEU A 218 -11.32 -14.96 16.75
C LEU A 218 -12.29 -16.14 16.85
N TYR A 219 -11.96 -17.15 17.64
CA TYR A 219 -12.80 -18.35 17.70
C TYR A 219 -14.21 -18.04 18.18
N GLU A 220 -14.33 -17.27 19.26
CA GLU A 220 -15.64 -16.96 19.82
C GLU A 220 -16.52 -16.23 18.81
N ASP A 221 -15.95 -15.26 18.11
CA ASP A 221 -16.69 -14.55 17.05
C ASP A 221 -17.14 -15.52 15.97
N ASN A 222 -16.27 -16.47 15.63
CA ASN A 222 -16.63 -17.48 14.65
C ASN A 222 -17.77 -18.38 15.10
N VAL A 223 -17.74 -18.81 16.36
CA VAL A 223 -18.81 -19.63 16.89
C VAL A 223 -20.13 -18.85 16.88
N ARG A 224 -20.08 -17.58 17.22
CA ARG A 224 -21.29 -16.76 17.20
C ARG A 224 -21.85 -16.60 15.78
N PHE A 225 -20.97 -16.42 14.79
CA PHE A 225 -21.43 -16.31 13.41
C PHE A 225 -22.01 -17.65 12.93
N ARG A 226 -21.32 -18.74 13.22
CA ARG A 226 -21.79 -20.08 12.87
C ARG A 226 -23.18 -20.33 13.43
N ASP A 227 -23.37 -20.05 14.72
CA ASP A 227 -24.66 -20.31 15.37
C ASP A 227 -25.74 -19.44 14.75
N HIS A 228 -25.38 -18.21 14.39
CA HIS A 228 -26.31 -17.31 13.73
C HIS A 228 -26.78 -17.87 12.39
N VAL A 229 -25.84 -18.23 11.52
CA VAL A 229 -26.24 -18.68 10.20
C VAL A 229 -26.97 -20.03 10.24
N ARG A 230 -26.57 -20.90 11.17
CA ARG A 230 -27.23 -22.20 11.32
C ARG A 230 -28.67 -22.05 11.78
N GLY A 231 -28.90 -21.11 12.68
CA GLY A 231 -30.25 -20.83 13.16
C GLY A 231 -31.12 -20.23 12.08
N LEU A 232 -30.48 -19.59 11.09
CA LEU A 232 -31.21 -19.03 9.97
C LEU A 232 -31.55 -20.04 8.88
N GLY A 233 -30.87 -21.18 8.89
CA GLY A 233 -31.05 -22.16 7.82
C GLY A 233 -30.14 -21.96 6.62
N LEU A 234 -29.13 -21.09 6.77
CA LEU A 234 -28.20 -20.80 5.69
C LEU A 234 -27.11 -21.86 5.65
N ASP A 235 -27.02 -22.60 4.54
CA ASP A 235 -26.13 -23.77 4.39
C ASP A 235 -24.65 -23.43 4.30
N PHE A 236 -23.93 -23.71 5.39
CA PHE A 236 -22.47 -23.55 5.45
C PHE A 236 -21.80 -24.88 5.73
N MET A 237 -20.67 -25.10 5.10
CA MET A 237 -19.75 -26.11 5.59
C MET A 237 -18.95 -25.43 6.68
N TYR A 238 -19.07 -25.93 7.90
CA TYR A 238 -18.31 -25.39 9.04
C TYR A 238 -17.31 -26.42 9.54
N GLU A 239 -16.06 -26.00 9.73
CA GLU A 239 -15.04 -26.91 10.25
C GLU A 239 -14.24 -26.21 11.32
N GLU A 240 -13.85 -26.96 12.35
CA GLU A 240 -12.96 -26.43 13.37
C GLU A 240 -12.05 -27.56 13.82
N SER A 241 -10.90 -27.19 14.36
CA SER A 241 -9.89 -28.15 14.81
C SER A 241 -8.83 -27.34 15.55
N PRO A 242 -7.90 -28.01 16.25
CA PRO A 242 -6.88 -27.23 16.96
C PRO A 242 -6.09 -26.30 16.06
N GLY A 243 -5.86 -25.08 16.52
CA GLY A 243 -5.14 -24.12 15.71
C GLY A 243 -5.24 -22.71 16.22
N GLU A 244 -4.26 -21.90 15.82
CA GLU A 244 -4.22 -20.50 16.16
C GLU A 244 -4.28 -19.66 14.88
N HIS A 245 -4.10 -18.35 15.03
CA HIS A 245 -4.12 -17.43 13.89
C HIS A 245 -2.76 -17.42 13.25
N GLU A 246 -2.45 -18.47 12.50
CA GLU A 246 -1.14 -18.62 11.91
C GLU A 246 -1.20 -19.45 10.65
N TRP A 247 -0.14 -19.36 9.86
CA TRP A 247 -0.15 -19.87 8.49
C TRP A 247 -0.05 -21.38 8.33
N GLY A 248 0.48 -22.08 9.33
CA GLY A 248 0.42 -23.54 9.31
C GLY A 248 -1.02 -24.03 9.18
N TYR A 249 -1.90 -23.45 9.98
CA TYR A 249 -3.31 -23.81 9.93
C TYR A 249 -3.93 -23.48 8.56
N TRP A 250 -3.65 -22.30 8.01
CA TRP A 250 -4.24 -21.93 6.72
C TRP A 250 -3.68 -22.73 5.55
N ASP A 251 -2.41 -23.12 5.64
CA ASP A 251 -1.80 -23.97 4.63
C ASP A 251 -2.53 -25.31 4.57
N ALA A 252 -2.90 -25.85 5.73
CA ALA A 252 -3.65 -27.10 5.80
C ALA A 252 -5.09 -26.87 5.32
N GLN A 253 -5.73 -25.85 5.86
CA GLN A 253 -7.14 -25.62 5.57
C GLN A 253 -7.43 -25.21 4.13
N ILE A 254 -6.52 -24.49 3.49
CA ILE A 254 -6.79 -24.05 2.12
C ILE A 254 -6.90 -25.25 1.16
N GLN A 255 -6.21 -26.35 1.48
CA GLN A 255 -6.35 -27.58 0.70
C GLN A 255 -7.77 -28.14 0.79
N ARG A 256 -8.37 -28.05 1.96
CA ARG A 256 -9.74 -28.52 2.15
C ARG A 256 -10.71 -27.61 1.41
N VAL A 257 -10.46 -26.30 1.47
CA VAL A 257 -11.30 -25.36 0.74
C VAL A 257 -11.22 -25.64 -0.77
N LEU A 258 -10.02 -25.88 -1.28
CA LEU A 258 -9.85 -26.17 -2.70
C LEU A 258 -10.65 -27.41 -3.13
N ALA A 259 -10.63 -28.45 -2.32
CA ALA A 259 -11.36 -29.68 -2.64
C ALA A 259 -12.87 -29.47 -2.62
N TRP A 260 -13.30 -28.50 -1.82
CA TRP A 260 -14.69 -28.18 -1.60
C TRP A 260 -15.28 -27.29 -2.69
N LEU A 261 -14.44 -26.56 -3.42
CA LEU A 261 -14.93 -25.65 -4.44
C LEU A 261 -15.77 -26.39 -5.47
N PRO A 262 -16.91 -25.78 -5.88
CA PRO A 262 -17.74 -26.39 -6.92
C PRO A 262 -17.16 -26.10 -8.30
N LEU A 263 -16.00 -26.70 -8.56
CA LEU A 263 -15.25 -26.41 -9.77
C LEU A 263 -15.65 -27.34 -10.92
N HIS B 1 28.72 -2.51 -12.08
CA HIS B 1 27.36 -3.02 -12.13
C HIS B 1 26.55 -2.58 -10.91
N MET B 2 25.23 -2.46 -11.10
CA MET B 2 24.30 -2.25 -9.98
C MET B 2 23.51 -3.53 -9.78
N ALA B 3 23.35 -3.93 -8.52
CA ALA B 3 22.43 -5.01 -8.21
C ALA B 3 21.07 -4.41 -7.83
N LEU B 4 20.00 -5.03 -8.33
CA LEU B 4 18.64 -4.55 -8.08
C LEU B 4 17.92 -5.47 -7.10
N PHE B 5 17.26 -4.88 -6.10
CA PHE B 5 16.55 -5.65 -5.08
C PHE B 5 15.12 -5.19 -4.96
N GLN B 6 14.20 -6.14 -5.18
CA GLN B 6 12.80 -5.92 -4.84
C GLN B 6 12.60 -6.56 -3.48
N CYS B 7 12.27 -5.71 -2.50
CA CYS B 7 12.26 -6.07 -1.09
C CYS B 7 10.85 -6.06 -0.56
N ASP B 8 10.38 -7.22 -0.11
CA ASP B 8 9.07 -7.31 0.52
C ASP B 8 9.28 -7.58 2.00
N PHE B 9 8.97 -6.59 2.82
CA PHE B 9 9.31 -6.62 4.23
C PHE B 9 8.14 -6.15 5.07
N PHE B 10 8.27 -6.28 6.39
CA PHE B 10 7.23 -5.86 7.29
C PHE B 10 7.57 -4.54 7.97
N SER B 11 6.64 -3.60 7.94
CA SER B 11 6.80 -2.38 8.71
C SER B 11 6.01 -2.47 10.00
N ASP B 12 6.73 -2.43 11.12
CA ASP B 12 6.12 -2.39 12.44
C ASP B 12 5.40 -1.07 12.70
N VAL B 13 5.97 0.03 12.20
CA VAL B 13 5.33 1.33 12.36
C VAL B 13 3.99 1.39 11.65
N LEU B 14 3.93 0.89 10.42
CA LEU B 14 2.68 0.88 9.66
C LEU B 14 1.79 -0.29 10.03
N GLY B 15 2.37 -1.33 10.63
CA GLY B 15 1.65 -2.58 10.86
C GLY B 15 1.27 -3.18 9.53
N LEU B 16 2.21 -3.22 8.60
CA LEU B 16 1.88 -3.59 7.23
C LEU B 16 3.04 -4.17 6.46
N SER B 17 2.78 -5.27 5.77
CA SER B 17 3.71 -5.83 4.79
C SER B 17 3.72 -4.91 3.59
N THR B 18 4.92 -4.49 3.18
CA THR B 18 5.04 -3.49 2.13
C THR B 18 6.32 -3.79 1.33
N SER B 19 6.69 -2.88 0.43
CA SER B 19 7.78 -3.15 -0.49
C SER B 19 8.64 -1.92 -0.73
N MET B 20 9.89 -2.16 -1.14
CA MET B 20 10.73 -1.09 -1.63
C MET B 20 11.66 -1.65 -2.68
N THR B 21 12.21 -0.77 -3.50
CA THR B 21 13.19 -1.13 -4.51
C THR B 21 14.51 -0.50 -4.09
N VAL B 22 15.58 -1.28 -4.14
CA VAL B 22 16.90 -0.79 -3.76
C VAL B 22 17.88 -1.15 -4.86
N ILE B 23 18.71 -0.19 -5.24
CA ILE B 23 19.83 -0.50 -6.12
C ILE B 23 21.14 -0.27 -5.37
N LEU B 24 22.04 -1.24 -5.50
CA LEU B 24 23.33 -1.23 -4.80
C LEU B 24 24.45 -1.36 -5.79
N PRO B 25 25.55 -0.61 -5.58
CA PRO B 25 26.75 -0.88 -6.38
C PRO B 25 27.29 -2.27 -6.07
N GLN B 26 27.79 -2.96 -7.08
CA GLN B 26 28.44 -4.25 -6.89
C GLN B 26 29.95 -4.09 -6.76
N GLU B 27 30.56 -4.84 -5.83
CA GLU B 27 32.00 -4.77 -5.61
C GLU B 27 32.80 -5.22 -6.83
N GLU B 42 29.96 0.71 3.44
CA GLU B 42 28.96 1.67 3.87
C GLU B 42 28.69 2.68 2.76
N HIS B 43 27.96 2.24 1.73
CA HIS B 43 27.70 3.10 0.57
C HIS B 43 26.87 4.31 0.96
N PRO B 44 27.30 5.50 0.50
CA PRO B 44 26.43 6.67 0.58
C PRO B 44 25.10 6.32 -0.07
N THR B 45 24.00 6.86 0.45
CA THR B 45 22.67 6.45 0.02
C THR B 45 21.77 7.62 -0.30
N LEU B 46 21.11 7.55 -1.45
CA LEU B 46 20.06 8.49 -1.82
C LEU B 46 18.72 7.83 -1.58
N PHE B 47 17.90 8.44 -0.74
CA PHE B 47 16.51 8.01 -0.57
C PHE B 47 15.71 8.79 -1.59
N LEU B 48 15.06 8.06 -2.50
CA LEU B 48 14.45 8.65 -3.69
C LEU B 48 12.95 8.40 -3.63
N LEU B 49 12.20 9.48 -3.46
CA LEU B 49 10.79 9.41 -3.07
C LEU B 49 9.81 9.61 -4.23
N HIS B 50 8.73 8.83 -4.22
CA HIS B 50 7.77 8.86 -5.31
C HIS B 50 6.73 9.96 -5.12
N GLY B 51 5.92 10.17 -6.16
CA GLY B 51 4.92 11.22 -6.18
C GLY B 51 3.54 10.73 -5.81
N LEU B 52 2.55 11.60 -6.02
CA LEU B 52 1.17 11.30 -5.65
C LEU B 52 0.57 10.31 -6.61
N SER B 53 0.15 9.15 -6.08
CA SER B 53 -0.43 8.00 -6.79
C SER B 53 0.62 6.99 -7.20
N ASP B 54 1.90 7.30 -6.97
CA ASP B 54 2.98 6.38 -7.32
C ASP B 54 3.24 5.33 -6.25
N ASP B 55 4.03 4.32 -6.60
CA ASP B 55 4.58 3.39 -5.63
C ASP B 55 6.10 3.35 -5.75
N HIS B 56 6.70 2.36 -5.11
CA HIS B 56 8.15 2.21 -5.05
C HIS B 56 8.78 1.79 -6.37
N THR B 57 7.97 1.55 -7.41
CA THR B 57 8.51 1.05 -8.69
C THR B 57 8.67 2.13 -9.75
N ILE B 58 8.08 3.28 -9.53
CA ILE B 58 7.92 4.24 -10.62
C ILE B 58 9.25 4.86 -11.07
N TRP B 59 10.15 5.17 -10.12
CA TRP B 59 11.46 5.71 -10.51
C TRP B 59 12.22 4.76 -11.42
N LEU B 60 12.23 3.47 -11.10
CA LEU B 60 12.97 2.51 -11.91
C LEU B 60 12.35 2.39 -13.31
N ARG B 61 11.03 2.41 -13.37
CA ARG B 61 10.31 2.16 -14.60
C ARG B 61 10.37 3.34 -15.56
N ARG B 62 10.15 4.55 -15.05
CA ARG B 62 9.97 5.73 -15.91
C ARG B 62 11.20 6.59 -16.11
N THR B 63 12.30 6.21 -15.47
CA THR B 63 13.58 6.88 -15.69
C THR B 63 14.68 5.85 -15.85
N SER B 64 15.88 6.31 -16.16
CA SER B 64 17.04 5.43 -16.17
C SER B 64 17.92 5.66 -14.94
N ILE B 65 17.29 5.94 -13.80
CA ILE B 65 18.00 6.16 -12.56
C ILE B 65 19.12 5.13 -12.27
N GLU B 66 18.89 3.84 -12.51
CA GLU B 66 19.92 2.84 -12.21
C GLU B 66 21.18 3.10 -13.03
N ARG B 67 20.99 3.46 -14.29
CA ARG B 67 22.12 3.81 -15.16
C ARG B 67 22.79 5.10 -14.71
N TYR B 68 21.99 6.09 -14.33
CA TYR B 68 22.55 7.40 -13.96
C TYR B 68 23.47 7.33 -12.75
N VAL B 69 23.23 6.39 -11.83
CA VAL B 69 24.06 6.30 -10.62
C VAL B 69 25.19 5.29 -10.76
N ALA B 70 25.26 4.63 -11.92
CA ALA B 70 26.12 3.46 -12.06
C ALA B 70 27.60 3.66 -11.72
N GLU B 71 28.14 4.85 -11.94
CA GLU B 71 29.56 5.06 -11.65
C GLU B 71 29.82 5.89 -10.39
N MET B 72 28.77 6.12 -9.62
CA MET B 72 28.85 7.08 -8.51
C MET B 72 29.21 6.46 -7.16
N GLY B 73 29.11 5.14 -7.04
CA GLY B 73 29.31 4.49 -5.75
C GLY B 73 28.19 4.85 -4.80
N LEU B 74 26.98 4.96 -5.35
CA LEU B 74 25.84 5.49 -4.63
C LEU B 74 24.73 4.47 -4.65
N ALA B 75 24.22 4.12 -3.47
CA ALA B 75 23.04 3.27 -3.35
C ALA B 75 21.78 4.14 -3.41
N VAL B 76 20.70 3.57 -3.93
CA VAL B 76 19.42 4.27 -4.00
C VAL B 76 18.33 3.41 -3.36
N VAL B 77 17.57 4.02 -2.46
CA VAL B 77 16.49 3.36 -1.75
C VAL B 77 15.17 4.03 -2.15
N MET B 78 14.24 3.24 -2.71
CA MET B 78 12.98 3.76 -3.24
C MET B 78 11.81 3.08 -2.54
N PRO B 79 11.24 3.74 -1.53
CA PRO B 79 10.15 3.15 -0.72
C PRO B 79 8.77 3.58 -1.20
N ALA B 80 7.75 3.04 -0.56
CA ALA B 80 6.36 3.33 -0.88
C ALA B 80 5.67 3.95 0.33
N VAL B 81 4.91 5.03 0.11
CA VAL B 81 4.15 5.64 1.21
C VAL B 81 2.68 5.89 0.86
N HIS B 82 2.20 5.23 -0.18
CA HIS B 82 0.81 5.37 -0.58
C HIS B 82 0.43 6.84 -0.81
N ARG B 83 -0.78 7.26 -0.44
CA ARG B 83 -1.19 8.65 -0.71
C ARG B 83 -1.16 9.41 0.60
N SER B 84 0.00 9.43 1.24
CA SER B 84 0.12 9.95 2.61
C SER B 84 0.80 11.31 2.74
N PHE B 85 1.41 11.79 1.67
CA PHE B 85 2.20 13.02 1.75
C PHE B 85 3.27 12.94 2.85
N TYR B 86 3.78 11.74 3.09
CA TYR B 86 4.92 11.58 4.02
C TYR B 86 4.58 12.11 5.39
N THR B 87 3.33 11.89 5.80
CA THR B 87 2.77 12.45 7.02
C THR B 87 2.25 11.35 7.95
N ASP B 88 2.41 11.58 9.26
CA ASP B 88 1.73 10.75 10.26
C ASP B 88 0.28 11.20 10.22
N MET B 89 -0.55 10.43 9.53
CA MET B 89 -1.88 10.88 9.15
C MET B 89 -2.80 11.03 10.35
N ALA B 90 -3.62 12.07 10.31
CA ALA B 90 -4.65 12.29 11.31
C ALA B 90 -5.64 11.14 11.29
N HIS B 91 -5.96 10.66 10.08
CA HIS B 91 -6.82 9.49 9.90
C HIS B 91 -6.15 8.54 8.94
N GLY B 92 -5.21 7.77 9.47
CA GLY B 92 -4.45 6.86 8.66
C GLY B 92 -3.23 6.37 9.39
N LEU B 93 -2.26 5.88 8.64
CA LEU B 93 -1.09 5.29 9.22
C LEU B 93 0.04 6.29 9.41
N GLN B 94 1.07 5.87 10.13
CA GLN B 94 2.13 6.76 10.57
C GLN B 94 3.28 6.80 9.56
N TYR B 95 3.00 7.40 8.41
CA TYR B 95 3.96 7.39 7.30
C TYR B 95 5.18 8.30 7.50
N TRP B 96 5.07 9.33 8.32
CA TRP B 96 6.22 10.18 8.65
C TRP B 96 7.19 9.43 9.56
N THR B 97 6.66 8.80 10.60
CA THR B 97 7.51 8.01 11.48
C THR B 97 8.15 6.87 10.67
N PHE B 98 7.37 6.26 9.77
CA PHE B 98 7.92 5.27 8.85
C PHE B 98 9.07 5.82 8.03
N ILE B 99 8.83 6.91 7.29
CA ILE B 99 9.85 7.35 6.34
C ILE B 99 11.08 7.95 7.03
N SER B 100 10.88 8.57 8.19
CA SER B 100 11.95 9.31 8.87
C SER B 100 12.73 8.47 9.87
N GLU B 101 12.15 7.37 10.34
CA GLU B 101 12.79 6.53 11.35
C GLU B 101 12.94 5.08 10.93
N GLU B 102 11.81 4.41 10.69
CA GLU B 102 11.83 2.97 10.48
C GLU B 102 12.46 2.57 9.15
N LEU B 103 12.07 3.24 8.07
CA LEU B 103 12.55 2.83 6.76
C LEU B 103 14.07 2.92 6.60
N PRO B 104 14.68 4.05 6.99
CA PRO B 104 16.13 4.10 6.85
C PRO B 104 16.81 3.03 7.72
N ALA B 105 16.26 2.79 8.91
CA ALA B 105 16.81 1.75 9.79
C ALA B 105 16.73 0.36 9.16
N LEU B 106 15.59 0.06 8.55
CA LEU B 106 15.42 -1.24 7.91
C LEU B 106 16.37 -1.38 6.74
N ALA B 107 16.44 -0.34 5.91
CA ALA B 107 17.33 -0.41 4.75
C ALA B 107 18.77 -0.61 5.19
N ARG B 108 19.18 0.10 6.24
CA ARG B 108 20.54 -0.05 6.76
C ARG B 108 20.80 -1.40 7.42
N SER B 109 19.74 -2.04 7.90
CA SER B 109 19.88 -3.37 8.51
C SER B 109 20.00 -4.46 7.45
N PHE B 110 19.38 -4.24 6.29
CA PHE B 110 19.42 -5.21 5.20
C PHE B 110 20.67 -5.08 4.32
N PHE B 111 21.09 -3.84 4.08
CA PHE B 111 22.07 -3.56 3.03
C PHE B 111 23.26 -2.79 3.61
N PRO B 112 24.40 -2.84 2.92
CA PRO B 112 25.61 -2.19 3.40
C PRO B 112 25.61 -0.68 3.13
N LEU B 113 24.72 0.02 3.82
CA LEU B 113 24.49 1.44 3.60
C LEU B 113 25.08 2.30 4.71
N ALA B 114 25.55 3.48 4.32
CA ALA B 114 26.10 4.43 5.27
C ALA B 114 25.05 4.92 6.23
N THR B 115 25.49 5.36 7.40
CA THR B 115 24.63 5.98 8.39
C THR B 115 24.97 7.46 8.57
N ALA B 116 26.21 7.82 8.27
CA ALA B 116 26.68 9.19 8.43
C ALA B 116 25.86 10.20 7.63
N ARG B 117 25.50 11.28 8.31
CA ARG B 117 24.88 12.43 7.69
C ARG B 117 25.52 12.85 6.36
N GLU B 118 26.86 12.91 6.33
CA GLU B 118 27.58 13.36 5.14
C GLU B 118 27.37 12.46 3.94
N ASP B 119 26.95 11.22 4.20
CA ASP B 119 26.76 10.24 3.15
C ASP B 119 25.29 9.90 2.92
N THR B 120 24.39 10.79 3.33
CA THR B 120 22.95 10.54 3.24
C THR B 120 22.23 11.68 2.53
N PHE B 121 21.46 11.35 1.49
CA PHE B 121 20.78 12.36 0.69
C PHE B 121 19.35 11.94 0.46
N VAL B 122 18.48 12.90 0.16
CA VAL B 122 17.08 12.58 -0.14
C VAL B 122 16.58 13.47 -1.28
N ALA B 123 15.76 12.92 -2.16
CA ALA B 123 15.17 13.67 -3.26
C ALA B 123 13.83 13.05 -3.61
N GLY B 124 12.95 13.83 -4.23
CA GLY B 124 11.67 13.29 -4.66
C GLY B 124 10.94 14.24 -5.59
N LEU B 125 10.00 13.70 -6.34
CA LEU B 125 9.13 14.53 -7.18
C LEU B 125 7.75 14.69 -6.52
N SER B 126 7.06 15.78 -6.87
CA SER B 126 5.78 16.17 -6.28
C SER B 126 5.72 16.14 -4.77
N MET B 127 4.84 15.25 -4.39
CA MET B 127 4.58 14.81 -3.04
C MET B 127 5.86 14.40 -2.36
N GLY B 128 6.74 13.72 -3.10
CA GLY B 128 8.03 13.30 -2.60
C GLY B 128 9.05 14.41 -2.52
N GLY B 129 8.86 15.48 -3.30
CA GLY B 129 9.67 16.67 -3.16
C GLY B 129 9.36 17.37 -1.85
N TYR B 130 8.07 17.48 -1.55
CA TYR B 130 7.62 17.91 -0.24
C TYR B 130 8.23 17.02 0.84
N GLY B 131 8.11 15.70 0.67
CA GLY B 131 8.66 14.77 1.64
C GLY B 131 10.16 14.93 1.84
N ALA B 132 10.91 15.08 0.75
CA ALA B 132 12.36 15.24 0.83
C ALA B 132 12.76 16.50 1.60
N LEU B 133 12.16 17.63 1.28
CA LEU B 133 12.49 18.87 1.97
C LEU B 133 12.06 18.80 3.44
N LYS B 134 10.92 18.17 3.70
CA LYS B 134 10.45 18.01 5.09
C LYS B 134 11.47 17.19 5.87
N LEU B 135 11.97 16.10 5.29
CA LEU B 135 12.99 15.30 5.96
C LEU B 135 14.26 16.12 6.20
N GLY B 136 14.73 16.83 5.18
CA GLY B 136 15.94 17.60 5.33
C GLY B 136 15.80 18.69 6.39
N MET B 137 14.63 19.32 6.44
CA MET B 137 14.49 20.46 7.33
C MET B 137 14.09 20.09 8.76
N ARG B 138 13.39 18.95 8.93
CA ARG B 138 13.05 18.46 10.26
C ARG B 138 14.22 17.71 10.88
N HIS B 139 15.02 17.08 10.04
CA HIS B 139 16.18 16.32 10.50
C HIS B 139 17.47 16.71 9.78
N PRO B 140 17.91 17.97 9.96
CA PRO B 140 19.12 18.43 9.26
C PRO B 140 20.35 17.61 9.68
N GLU B 141 20.31 17.03 10.86
CA GLU B 141 21.42 16.24 11.39
C GLU B 141 21.54 14.88 10.70
N ARG B 142 20.59 14.56 9.83
CA ARG B 142 20.57 13.25 9.18
C ARG B 142 20.83 13.28 7.67
N PHE B 143 20.81 14.47 7.08
CA PHE B 143 20.92 14.60 5.63
C PHE B 143 21.92 15.65 5.21
N ALA B 144 22.76 15.31 4.24
CA ALA B 144 23.70 16.27 3.69
C ALA B 144 23.06 17.13 2.60
N ALA B 145 21.99 16.62 1.99
CA ALA B 145 21.36 17.32 0.88
C ALA B 145 19.94 16.82 0.71
N ALA B 146 19.03 17.72 0.31
CA ALA B 146 17.63 17.40 0.09
C ALA B 146 17.17 18.13 -1.17
N ALA B 147 16.50 17.42 -2.06
CA ALA B 147 16.11 17.97 -3.36
C ALA B 147 14.64 17.72 -3.69
N SER B 148 13.99 18.75 -4.21
CA SER B 148 12.61 18.66 -4.65
C SER B 148 12.50 18.89 -6.15
N LEU B 149 11.83 17.98 -6.84
CA LEU B 149 11.55 18.12 -8.28
C LEU B 149 10.05 18.29 -8.46
N SER B 150 9.64 19.43 -9.03
CA SER B 150 8.23 19.74 -9.22
C SER B 150 7.41 19.45 -7.96
N GLY B 151 7.88 19.98 -6.83
CA GLY B 151 7.32 19.64 -5.54
C GLY B 151 5.98 20.29 -5.21
N ALA B 152 5.18 19.59 -4.41
CA ALA B 152 3.96 20.14 -3.83
C ALA B 152 4.34 20.85 -2.54
N LEU B 153 4.94 22.02 -2.68
CA LEU B 153 5.68 22.64 -1.58
C LEU B 153 4.85 23.53 -0.66
N ASP B 154 3.60 23.79 -1.04
CA ASP B 154 2.65 24.49 -0.18
C ASP B 154 1.46 23.57 0.11
N ILE B 155 1.44 23.01 1.31
CA ILE B 155 0.37 22.07 1.68
C ILE B 155 -0.82 22.76 2.39
N THR B 156 -0.79 24.09 2.49
CA THR B 156 -1.89 24.80 3.15
C THR B 156 -3.12 24.78 2.25
N PHE B 157 -4.28 24.98 2.86
CA PHE B 157 -5.55 24.80 2.18
C PHE B 157 -6.25 26.13 1.99
N VAL B 171 -10.62 17.28 -0.75
CA VAL B 171 -10.55 17.98 0.54
C VAL B 171 -10.60 16.97 1.68
N ALA B 172 -11.45 15.96 1.56
CA ALA B 172 -11.56 14.93 2.59
C ALA B 172 -10.24 14.19 2.76
N GLU B 173 -9.56 13.92 1.66
CA GLU B 173 -8.25 13.26 1.71
C GLU B 173 -7.23 14.15 2.43
N GLN B 174 -7.21 15.44 2.12
CA GLN B 174 -6.31 16.35 2.81
C GLN B 174 -6.59 16.36 4.32
N ARG B 175 -7.85 16.29 4.71
CA ARG B 175 -8.20 16.19 6.12
C ARG B 175 -7.74 14.88 6.75
N ASN B 176 -7.81 13.79 5.98
CA ASN B 176 -7.32 12.51 6.51
C ASN B 176 -5.82 12.58 6.75
N ILE B 177 -5.12 13.28 5.86
CA ILE B 177 -3.68 13.41 6.01
C ILE B 177 -3.31 14.36 7.14
N PHE B 178 -3.83 15.59 7.07
CA PHE B 178 -3.36 16.66 7.96
C PHE B 178 -4.26 16.98 9.15
N GLY B 179 -5.49 16.48 9.16
CA GLY B 179 -6.41 16.79 10.23
C GLY B 179 -7.11 18.12 10.05
N ASP B 180 -6.94 19.00 11.04
CA ASP B 180 -7.47 20.35 10.97
C ASP B 180 -6.67 21.17 9.97
N LEU B 181 -7.23 21.43 8.81
CA LEU B 181 -6.51 22.14 7.76
C LEU B 181 -6.16 23.57 8.16
N ALA B 182 -7.01 24.17 8.99
CA ALA B 182 -6.77 25.55 9.41
C ALA B 182 -5.54 25.66 10.31
N ALA B 183 -5.10 24.54 10.87
CA ALA B 183 -3.93 24.53 11.75
C ALA B 183 -2.61 24.42 10.97
N LEU B 184 -2.68 24.27 9.65
CA LEU B 184 -1.46 24.05 8.86
C LEU B 184 -0.48 25.23 8.75
N PRO B 185 -0.98 26.47 8.54
CA PRO B 185 -0.01 27.56 8.37
C PRO B 185 0.90 27.75 9.60
N GLY B 186 2.21 27.75 9.39
CA GLY B 186 3.16 27.90 10.48
C GLY B 186 3.47 26.64 11.27
N SER B 187 2.81 25.54 10.91
CA SER B 187 2.96 24.28 11.62
C SER B 187 4.24 23.56 11.22
N ASP B 188 4.48 22.40 11.84
CA ASP B 188 5.63 21.58 11.48
C ASP B 188 5.42 20.82 10.16
N HIS B 189 4.27 21.03 9.52
CA HIS B 189 4.01 20.50 8.18
C HIS B 189 4.35 21.52 7.10
N ASP B 190 4.48 22.78 7.50
CA ASP B 190 4.58 23.92 6.57
C ASP B 190 6.03 24.16 6.19
N LEU B 191 6.39 23.81 4.96
CA LEU B 191 7.78 23.96 4.51
C LEU B 191 8.31 25.38 4.58
N PHE B 192 7.41 26.36 4.43
CA PHE B 192 7.85 27.76 4.49
C PHE B 192 8.37 28.06 5.89
N ALA B 193 7.62 27.60 6.89
CA ALA B 193 8.03 27.78 8.28
C ALA B 193 9.23 26.90 8.65
N LEU B 194 9.23 25.66 8.18
CA LEU B 194 10.36 24.76 8.41
C LEU B 194 11.68 25.32 7.87
N ALA B 195 11.62 25.99 6.72
CA ALA B 195 12.82 26.53 6.10
C ALA B 195 13.42 27.62 6.98
N GLU B 196 12.54 28.47 7.54
CA GLU B 196 12.99 29.54 8.43
C GLU B 196 13.61 28.96 9.68
N ARG B 197 12.99 27.91 10.22
CA ARG B 197 13.53 27.27 11.41
C ARG B 197 14.89 26.64 11.15
N MET B 198 15.04 26.00 10.01
CA MET B 198 16.31 25.35 9.70
C MET B 198 17.41 26.39 9.53
N ALA B 199 17.06 27.54 8.95
CA ALA B 199 18.02 28.60 8.71
C ALA B 199 18.52 29.22 10.00
N GLN B 200 17.78 28.99 11.08
CA GLN B 200 18.18 29.51 12.40
C GLN B 200 19.08 28.54 13.16
N SER B 201 19.23 27.32 12.64
CA SER B 201 20.12 26.34 13.26
C SER B 201 21.56 26.82 13.17
N ASP B 202 22.36 26.50 14.18
CA ASP B 202 23.79 26.81 14.10
C ASP B 202 24.60 25.57 13.73
N GLY B 203 23.98 24.39 13.83
CA GLY B 203 24.63 23.15 13.43
C GLY B 203 24.55 22.97 11.93
N PRO B 204 25.20 21.91 11.41
CA PRO B 204 25.17 21.71 9.95
C PRO B 204 23.77 21.40 9.42
N VAL B 205 23.43 21.96 8.27
CA VAL B 205 22.13 21.75 7.64
C VAL B 205 22.34 21.31 6.19
N PRO B 206 21.37 20.57 5.62
CA PRO B 206 21.57 20.09 4.24
C PRO B 206 21.56 21.21 3.20
N LYS B 207 22.31 21.01 2.13
CA LYS B 207 22.18 21.83 0.93
C LYS B 207 20.81 21.53 0.37
N LEU B 208 20.17 22.53 -0.25
CA LEU B 208 18.83 22.33 -0.80
C LEU B 208 18.81 22.56 -2.29
N TYR B 209 18.02 21.75 -3.00
CA TYR B 209 17.83 21.89 -4.44
C TYR B 209 16.33 21.91 -4.71
N GLN B 210 15.91 22.79 -5.60
CA GLN B 210 14.52 22.87 -6.04
C GLN B 210 14.43 23.09 -7.54
N CYS B 211 13.66 22.28 -8.25
CA CYS B 211 13.35 22.59 -9.65
C CYS B 211 11.88 22.42 -9.96
N CYS B 212 11.44 23.05 -11.04
CA CYS B 212 10.08 22.86 -11.50
C CYS B 212 9.94 23.20 -12.98
N GLY B 213 9.11 22.43 -13.69
CA GLY B 213 8.76 22.77 -15.06
C GLY B 213 7.85 23.98 -15.09
N THR B 214 8.06 24.88 -16.05
CA THR B 214 7.32 26.14 -16.05
C THR B 214 5.84 26.02 -16.40
N GLU B 215 5.42 24.86 -16.90
CA GLU B 215 4.01 24.63 -17.21
C GLU B 215 3.32 23.69 -16.21
N ASP B 216 4.04 23.33 -15.15
CA ASP B 216 3.47 22.46 -14.11
C ASP B 216 2.37 23.20 -13.36
N PHE B 217 1.30 22.50 -12.99
CA PHE B 217 0.25 23.11 -12.18
C PHE B 217 0.80 23.64 -10.86
N LEU B 218 1.88 23.02 -10.40
CA LEU B 218 2.52 23.41 -9.15
C LEU B 218 3.53 24.54 -9.32
N TYR B 219 3.63 25.11 -10.52
CA TYR B 219 4.67 26.10 -10.76
C TYR B 219 4.57 27.33 -9.86
N GLU B 220 3.37 27.86 -9.69
CA GLU B 220 3.19 29.08 -8.91
C GLU B 220 3.57 28.86 -7.44
N ASP B 221 3.20 27.71 -6.88
CA ASP B 221 3.62 27.36 -5.53
C ASP B 221 5.13 27.28 -5.43
N ASN B 222 5.77 26.75 -6.48
CA ASN B 222 7.21 26.63 -6.49
C ASN B 222 7.91 27.98 -6.51
N VAL B 223 7.41 28.90 -7.32
CA VAL B 223 7.97 30.24 -7.38
C VAL B 223 7.86 30.92 -6.01
N ARG B 224 6.73 30.76 -5.35
CA ARG B 224 6.54 31.36 -4.03
C ARG B 224 7.53 30.77 -3.02
N PHE B 225 7.69 29.45 -3.04
CA PHE B 225 8.64 28.84 -2.12
C PHE B 225 10.07 29.29 -2.41
N ARG B 226 10.44 29.28 -3.69
CA ARG B 226 11.76 29.76 -4.09
C ARG B 226 12.04 31.17 -3.57
N ASP B 227 11.10 32.08 -3.77
CA ASP B 227 11.33 33.48 -3.40
C ASP B 227 11.49 33.60 -1.89
N HIS B 228 10.79 32.73 -1.17
CA HIS B 228 10.86 32.70 0.28
C HIS B 228 12.19 32.11 0.74
N VAL B 229 12.52 30.92 0.25
CA VAL B 229 13.66 30.20 0.80
C VAL B 229 15.02 30.81 0.44
N ARG B 230 15.07 31.57 -0.66
CA ARG B 230 16.33 32.10 -1.17
C ARG B 230 16.81 33.32 -0.40
N GLY B 231 15.99 33.83 0.51
CA GLY B 231 16.38 34.99 1.31
C GLY B 231 16.84 34.68 2.73
N LEU B 232 17.09 33.40 3.00
CA LEU B 232 17.30 32.95 4.37
C LEU B 232 18.76 32.62 4.73
N GLY B 233 19.67 32.81 3.79
CA GLY B 233 21.08 32.55 4.03
C GLY B 233 21.45 31.09 3.91
N LEU B 234 20.66 30.34 3.16
CA LEU B 234 20.86 28.90 3.03
C LEU B 234 21.65 28.56 1.78
N ASP B 235 22.21 27.36 1.75
CA ASP B 235 22.83 26.81 0.55
C ASP B 235 21.69 26.25 -0.30
N PHE B 236 21.30 27.00 -1.32
CA PHE B 236 20.04 26.75 -2.03
C PHE B 236 20.22 26.95 -3.53
N MET B 237 19.79 25.97 -4.30
CA MET B 237 19.87 26.06 -5.74
C MET B 237 18.50 25.85 -6.37
N TYR B 238 18.11 26.76 -7.25
CA TYR B 238 16.85 26.66 -7.99
C TYR B 238 17.08 26.52 -9.49
N GLU B 239 16.29 25.69 -10.16
CA GLU B 239 16.31 25.58 -11.62
C GLU B 239 14.92 25.45 -12.17
N GLU B 240 14.67 26.04 -13.34
CA GLU B 240 13.41 25.84 -14.03
C GLU B 240 13.66 25.80 -15.53
N SER B 241 12.72 25.22 -16.26
CA SER B 241 12.81 25.09 -17.72
C SER B 241 11.45 24.60 -18.18
N PRO B 242 11.20 24.58 -19.50
CA PRO B 242 9.88 24.11 -19.93
C PRO B 242 9.61 22.69 -19.46
N GLY B 243 8.39 22.43 -19.00
CA GLY B 243 8.02 21.10 -18.58
C GLY B 243 6.71 21.05 -17.82
N GLU B 244 6.11 19.87 -17.80
CA GLU B 244 4.88 19.62 -17.07
C GLU B 244 5.15 18.62 -15.95
N HIS B 245 4.09 18.19 -15.27
CA HIS B 245 4.19 17.22 -14.18
C HIS B 245 4.29 15.82 -14.79
N GLU B 246 5.50 15.47 -15.25
CA GLU B 246 5.67 14.47 -16.28
C GLU B 246 7.05 13.80 -16.14
N TRP B 247 7.16 12.49 -16.41
CA TRP B 247 8.40 11.75 -16.14
C TRP B 247 9.60 12.04 -17.07
N GLY B 248 9.34 12.51 -18.28
CA GLY B 248 10.42 12.95 -19.14
C GLY B 248 11.21 14.08 -18.47
N TYR B 249 10.48 15.01 -17.86
CA TYR B 249 11.11 16.11 -17.15
C TYR B 249 11.95 15.62 -15.97
N TRP B 250 11.41 14.71 -15.16
CA TRP B 250 12.17 14.21 -14.01
C TRP B 250 13.34 13.32 -14.41
N ASP B 251 13.22 12.60 -15.52
CA ASP B 251 14.33 11.81 -16.03
C ASP B 251 15.51 12.72 -16.37
N ALA B 252 15.23 13.86 -16.98
CA ALA B 252 16.27 14.83 -17.28
C ALA B 252 16.80 15.49 -16.01
N GLN B 253 15.90 15.95 -15.15
CA GLN B 253 16.31 16.72 -13.99
C GLN B 253 17.04 15.91 -12.92
N ILE B 254 16.68 14.63 -12.76
CA ILE B 254 17.34 13.85 -11.73
C ILE B 254 18.85 13.73 -11.99
N GLN B 255 19.24 13.80 -13.26
CA GLN B 255 20.67 13.77 -13.60
C GLN B 255 21.37 15.00 -13.04
N ARG B 256 20.69 16.13 -13.09
CA ARG B 256 21.26 17.38 -12.56
C ARG B 256 21.32 17.32 -11.02
N VAL B 257 20.30 16.74 -10.40
CA VAL B 257 20.35 16.54 -8.96
C VAL B 257 21.54 15.67 -8.56
N LEU B 258 21.75 14.58 -9.31
CA LEU B 258 22.85 13.66 -8.98
C LEU B 258 24.21 14.34 -9.07
N ALA B 259 24.39 15.22 -10.05
CA ALA B 259 25.65 15.94 -10.21
C ALA B 259 25.88 16.93 -9.07
N TRP B 260 24.78 17.39 -8.49
CA TRP B 260 24.80 18.39 -7.42
C TRP B 260 25.01 17.79 -6.03
N LEU B 261 24.74 16.50 -5.87
CA LEU B 261 24.93 15.86 -4.57
C LEU B 261 26.36 16.02 -4.05
N PRO B 262 26.51 16.35 -2.76
CA PRO B 262 27.84 16.52 -2.16
C PRO B 262 28.41 15.16 -1.79
N LEU B 263 28.75 14.39 -2.82
CA LEU B 263 29.12 13.00 -2.65
C LEU B 263 30.62 12.87 -2.50
#